data_6EAW
#
_entry.id   6EAW
#
_cell.length_a   60.094
_cell.length_b   61.494
_cell.length_c   66.544
_cell.angle_alpha   90.00
_cell.angle_beta   90.00
_cell.angle_gamma   90.00
#
_symmetry.space_group_name_H-M   'P 21 21 21'
#
loop_
_entity.id
_entity.type
_entity.pdbx_description
1 polymer 'Cationic trypsin'
2 polymer CYS-THR-LYS-SER-ILE
3 non-polymer 'SULFATE ION'
4 non-polymer 'CALCIUM ION'
5 water water
#
loop_
_entity_poly.entity_id
_entity_poly.type
_entity_poly.pdbx_seq_one_letter_code
_entity_poly.pdbx_strand_id
1 'polypeptide(L)'
;IVGGYTCGANTVPYQVSLNSGYHFCGGSLINSQWVVSAAHCYKSGIQVRLGEDNINVVEGNEQFISASKSIVHPSYNSNT
LNNDIMLIKLKSAASLNSRVASISLPTSCASAGTQCLISGWGNTKSSGTSYPDVLKCLKAPILSDSSCKSAYPGQITSNM
FCAGYLEGGKDSCQGDSGGPVVCSGKLQGIVSWGSGCAQKNKPGVYTKVCNYVSWIKQTIASN
;
A
2 'polypeptide(L)' CTKSI I
#
loop_
_chem_comp.id
_chem_comp.type
_chem_comp.name
_chem_comp.formula
CA non-polymer 'CALCIUM ION' 'Ca 2'
SO4 non-polymer 'SULFATE ION' 'O4 S -2'
#
# COMPACT_ATOMS: atom_id res chain seq x y z
N ILE A 1 7.03 3.25 7.49
CA ILE A 1 8.03 2.21 7.23
C ILE A 1 9.03 2.31 8.30
N VAL A 2 9.24 1.22 9.00
CA VAL A 2 10.23 1.16 10.04
C VAL A 2 11.40 0.44 9.46
N GLY A 3 12.59 0.97 9.70
CA GLY A 3 13.78 0.28 9.32
C GLY A 3 14.05 0.36 7.85
N GLY A 4 13.41 1.27 7.18
CA GLY A 4 13.58 1.44 5.77
C GLY A 4 14.55 2.55 5.52
N TYR A 5 14.43 3.12 4.36
CA TYR A 5 15.36 4.13 3.94
C TYR A 5 14.58 5.12 3.13
N THR A 6 15.12 6.29 3.03
CA THR A 6 14.49 7.28 2.21
C THR A 6 14.55 6.83 0.78
N CYS A 7 13.42 6.70 0.16
CA CYS A 7 13.38 6.15 -1.18
C CYS A 7 14.18 7.02 -2.11
N GLY A 8 14.05 8.31 -1.95
CA GLY A 8 14.52 9.23 -2.92
C GLY A 8 13.31 9.77 -3.63
N ALA A 9 13.33 11.05 -3.89
CA ALA A 9 12.15 11.66 -4.42
C ALA A 9 11.74 11.03 -5.72
N ASN A 10 10.50 10.62 -5.75
CA ASN A 10 9.84 10.13 -6.94
C ASN A 10 10.46 8.87 -7.47
N THR A 11 11.21 8.18 -6.64
CA THR A 11 11.76 6.93 -7.11
C THR A 11 10.74 5.82 -7.01
N VAL A 12 9.61 6.09 -6.41
CA VAL A 12 8.55 5.11 -6.34
C VAL A 12 7.36 5.83 -6.95
N PRO A 13 7.35 5.97 -8.25
CA PRO A 13 6.46 6.95 -8.83
C PRO A 13 5.05 6.50 -8.85
N TYR A 14 4.79 5.26 -8.52
CA TYR A 14 3.45 4.76 -8.39
C TYR A 14 2.94 4.94 -7.00
N GLN A 15 3.75 5.36 -6.06
CA GLN A 15 3.28 5.51 -4.71
C GLN A 15 2.45 6.75 -4.64
N VAL A 16 1.28 6.63 -4.09
CA VAL A 16 0.49 7.81 -3.86
C VAL A 16 0.27 7.90 -2.38
N SER A 17 -0.07 9.08 -1.98
CA SER A 17 -0.51 9.33 -0.64
C SER A 17 -1.96 9.65 -0.73
N LEU A 18 -2.72 9.02 0.11
CA LEU A 18 -4.10 9.36 0.24
C LEU A 18 -4.19 10.36 1.34
N ASN A 19 -4.80 11.46 1.04
CA ASN A 19 -4.77 12.59 1.92
C ASN A 19 -6.15 13.04 2.20
N SER A 20 -6.41 13.28 3.46
CA SER A 20 -7.66 13.84 3.86
C SER A 20 -7.38 14.99 4.75
N GLY A 21 -6.54 15.89 4.27
CA GLY A 21 -6.02 16.93 5.11
C GLY A 21 -4.84 16.46 5.89
N TYR A 22 -4.40 15.27 5.61
CA TYR A 22 -3.22 14.68 6.17
C TYR A 22 -3.07 13.39 5.42
N HIS A 23 -1.86 12.92 5.40
CA HIS A 23 -1.62 11.64 4.81
C HIS A 23 -2.16 10.59 5.71
N PHE A 24 -2.97 9.71 5.18
CA PHE A 24 -3.50 8.67 6.03
C PHE A 24 -3.27 7.31 5.50
N CYS A 25 -2.96 7.16 4.24
CA CYS A 25 -2.70 5.87 3.70
C CYS A 25 -1.93 6.07 2.45
N GLY A 26 -1.30 5.02 2.03
CA GLY A 26 -0.70 4.99 0.74
C GLY A 26 -1.62 4.38 -0.24
N GLY A 27 -1.14 4.32 -1.44
CA GLY A 27 -1.84 3.68 -2.51
C GLY A 27 -0.86 3.55 -3.62
N SER A 28 -1.28 2.87 -4.63
CA SER A 28 -0.44 2.62 -5.75
C SER A 28 -1.21 3.00 -6.99
N LEU A 29 -0.60 3.76 -7.83
CA LEU A 29 -1.23 4.13 -9.06
C LEU A 29 -1.09 2.99 -10.00
N ILE A 30 -2.20 2.52 -10.51
CA ILE A 30 -2.13 1.40 -11.42
C ILE A 30 -2.52 1.77 -12.82
N ASN A 31 -3.12 2.91 -13.01
CA ASN A 31 -3.19 3.48 -14.33
C ASN A 31 -3.45 4.94 -14.06
N SER A 32 -3.63 5.69 -15.10
CA SER A 32 -3.64 7.11 -14.87
C SER A 32 -4.83 7.53 -14.06
N GLN A 33 -5.84 6.72 -13.94
CA GLN A 33 -7.02 7.15 -13.23
CA GLN A 33 -7.03 7.15 -13.23
C GLN A 33 -7.35 6.30 -12.03
N TRP A 34 -6.53 5.32 -11.72
CA TRP A 34 -6.93 4.41 -10.69
C TRP A 34 -5.80 4.10 -9.78
N VAL A 35 -6.11 4.06 -8.52
CA VAL A 35 -5.18 3.75 -7.48
C VAL A 35 -5.69 2.56 -6.76
N VAL A 36 -4.81 1.71 -6.37
CA VAL A 36 -5.11 0.59 -5.51
C VAL A 36 -4.65 0.97 -4.14
N SER A 37 -5.49 0.73 -3.16
CA SER A 37 -5.11 0.94 -1.81
C SER A 37 -5.79 -0.11 -1.00
N ALA A 38 -5.79 0.08 0.29
CA ALA A 38 -6.41 -0.87 1.18
C ALA A 38 -7.82 -0.45 1.44
N ALA A 39 -8.70 -1.41 1.54
CA ALA A 39 -10.06 -1.10 1.89
C ALA A 39 -10.14 -0.41 3.20
N HIS A 40 -9.26 -0.75 4.13
CA HIS A 40 -9.39 -0.08 5.41
C HIS A 40 -8.98 1.35 5.34
N CYS A 41 -8.48 1.80 4.21
CA CYS A 41 -8.18 3.18 4.03
C CYS A 41 -9.37 3.95 3.53
N TYR A 42 -10.46 3.28 3.27
CA TYR A 42 -11.59 3.97 2.73
C TYR A 42 -12.03 5.05 3.66
N LYS A 43 -12.31 6.17 3.07
CA LYS A 43 -13.02 7.21 3.76
C LYS A 43 -13.49 8.13 2.68
N SER A 44 -14.35 9.04 3.07
CA SER A 44 -14.70 10.11 2.17
CA SER A 44 -14.71 10.13 2.20
C SER A 44 -13.58 11.15 2.17
N GLY A 45 -13.62 12.00 1.17
CA GLY A 45 -12.73 13.13 1.16
C GLY A 45 -11.32 12.75 0.82
N ILE A 46 -11.13 11.71 0.04
CA ILE A 46 -9.78 11.33 -0.29
C ILE A 46 -9.29 12.18 -1.41
N GLN A 47 -8.14 12.74 -1.18
CA GLN A 47 -7.40 13.38 -2.22
C GLN A 47 -6.20 12.51 -2.45
N VAL A 48 -6.00 12.11 -3.64
CA VAL A 48 -4.86 11.32 -3.98
C VAL A 48 -3.74 12.26 -4.33
N ARG A 49 -2.63 12.05 -3.72
CA ARG A 49 -1.50 12.89 -3.94
C ARG A 49 -0.46 12.05 -4.59
N LEU A 50 -0.24 12.32 -5.83
CA LEU A 50 0.70 11.61 -6.64
C LEU A 50 1.95 12.45 -6.75
N GLY A 51 3.04 11.80 -7.08
CA GLY A 51 4.23 12.52 -7.30
C GLY A 51 4.83 13.05 -6.06
N GLU A 52 4.42 12.57 -4.90
CA GLU A 52 4.89 13.11 -3.65
C GLU A 52 6.20 12.55 -3.27
N ASP A 53 6.99 13.37 -2.62
CA ASP A 53 8.08 12.87 -1.85
C ASP A 53 7.90 13.39 -0.46
N ASN A 54 8.20 14.64 -0.24
CA ASN A 54 7.92 15.21 1.05
C ASN A 54 6.45 15.52 1.04
N ILE A 55 5.70 14.82 1.87
CA ILE A 55 4.26 15.00 1.85
C ILE A 55 3.84 16.26 2.56
N ASN A 56 4.76 16.96 3.17
CA ASN A 56 4.43 18.15 3.90
C ASN A 56 4.87 19.38 3.20
N VAL A 57 5.49 19.25 2.05
CA VAL A 57 6.01 20.38 1.33
C VAL A 57 5.62 20.18 -0.09
N VAL A 58 5.20 21.26 -0.72
CA VAL A 58 4.94 21.21 -2.14
C VAL A 58 6.29 21.42 -2.79
N GLU A 59 6.81 20.37 -3.38
CA GLU A 59 8.15 20.38 -3.89
C GLU A 59 8.15 20.45 -5.38
N GLY A 60 7.01 20.28 -5.99
CA GLY A 60 6.95 20.09 -7.40
C GLY A 60 6.72 18.65 -7.65
N ASN A 61 6.11 18.37 -8.77
CA ASN A 61 5.79 17.04 -9.24
C ASN A 61 4.58 16.49 -8.62
N GLU A 62 4.05 17.09 -7.58
CA GLU A 62 2.84 16.58 -7.02
C GLU A 62 1.70 16.78 -7.98
N GLN A 63 0.78 15.85 -7.94
CA GLN A 63 -0.52 16.05 -8.50
C GLN A 63 -1.47 15.65 -7.42
N PHE A 64 -2.35 16.51 -7.06
CA PHE A 64 -3.36 16.23 -6.10
C PHE A 64 -4.61 16.07 -6.89
N ILE A 65 -5.22 14.92 -6.78
CA ILE A 65 -6.40 14.67 -7.56
C ILE A 65 -7.38 14.03 -6.63
N SER A 66 -8.56 14.58 -6.57
CA SER A 66 -9.54 13.99 -5.70
C SER A 66 -9.90 12.62 -6.17
N ALA A 67 -10.22 11.78 -5.23
CA ALA A 67 -10.86 10.53 -5.57
C ALA A 67 -12.26 10.85 -6.04
N SER A 68 -12.66 10.25 -7.14
CA SER A 68 -14.03 10.37 -7.54
C SER A 68 -14.79 9.14 -7.19
N LYS A 69 -14.13 8.01 -7.10
CA LYS A 69 -14.75 6.77 -6.68
CA LYS A 69 -14.75 6.77 -6.68
C LYS A 69 -13.76 6.10 -5.76
N SER A 70 -14.28 5.54 -4.70
CA SER A 70 -13.47 4.76 -3.80
C SER A 70 -14.24 3.49 -3.66
N ILE A 71 -13.67 2.42 -4.13
CA ILE A 71 -14.38 1.20 -4.29
C ILE A 71 -13.69 0.20 -3.40
N VAL A 72 -14.26 0.00 -2.25
CA VAL A 72 -13.78 -1.00 -1.36
C VAL A 72 -14.22 -2.34 -1.89
N HIS A 73 -13.38 -3.30 -1.76
CA HIS A 73 -13.78 -4.60 -2.22
C HIS A 73 -15.07 -4.99 -1.55
N PRO A 74 -16.04 -5.47 -2.29
CA PRO A 74 -17.31 -5.81 -1.69
C PRO A 74 -17.21 -6.80 -0.60
N SER A 75 -16.18 -7.62 -0.57
CA SER A 75 -16.07 -8.62 0.44
C SER A 75 -15.05 -8.26 1.46
N TYR A 76 -14.65 -7.03 1.48
CA TYR A 76 -13.76 -6.59 2.53
C TYR A 76 -14.41 -6.82 3.85
N ASN A 77 -13.66 -7.42 4.73
CA ASN A 77 -14.13 -7.67 6.07
C ASN A 77 -13.25 -6.87 6.98
N SER A 78 -13.80 -5.87 7.61
CA SER A 78 -12.96 -4.99 8.38
C SER A 78 -12.50 -5.61 9.67
N ASN A 79 -13.02 -6.75 10.02
CA ASN A 79 -12.54 -7.40 11.22
CA ASN A 79 -12.54 -7.40 11.22
C ASN A 79 -11.37 -8.31 10.88
N THR A 80 -11.53 -9.12 9.85
CA THR A 80 -10.45 -9.99 9.49
C THR A 80 -9.48 -9.35 8.53
N LEU A 81 -9.88 -8.25 7.91
CA LEU A 81 -9.11 -7.57 6.91
C LEU A 81 -8.95 -8.39 5.67
N ASN A 82 -9.77 -9.40 5.52
CA ASN A 82 -9.75 -10.11 4.27
C ASN A 82 -10.31 -9.21 3.19
N ASN A 83 -9.72 -9.32 2.03
CA ASN A 83 -10.09 -8.51 0.90
C ASN A 83 -9.85 -7.05 1.19
N ASP A 84 -8.70 -6.77 1.76
CA ASP A 84 -8.37 -5.42 2.13
C ASP A 84 -7.78 -4.73 0.92
N ILE A 85 -8.67 -4.36 0.03
CA ILE A 85 -8.27 -3.73 -1.19
C ILE A 85 -9.34 -2.78 -1.59
N MET A 86 -8.95 -1.66 -2.08
CA MET A 86 -9.86 -0.66 -2.54
C MET A 86 -9.27 -0.09 -3.78
N LEU A 87 -10.11 0.27 -4.69
CA LEU A 87 -9.71 0.99 -5.86
C LEU A 87 -10.21 2.38 -5.72
N ILE A 88 -9.38 3.30 -6.04
CA ILE A 88 -9.80 4.67 -6.06
C ILE A 88 -9.69 5.13 -7.47
N LYS A 89 -10.75 5.69 -7.98
CA LYS A 89 -10.70 6.32 -9.27
C LYS A 89 -10.44 7.77 -9.00
N LEU A 90 -9.51 8.30 -9.75
CA LEU A 90 -9.20 9.69 -9.67
C LEU A 90 -10.21 10.48 -10.46
N LYS A 91 -10.53 11.64 -9.95
CA LYS A 91 -11.50 12.48 -10.60
C LYS A 91 -11.06 12.82 -11.99
N SER A 92 -9.77 12.96 -12.18
CA SER A 92 -9.19 13.20 -13.48
CA SER A 92 -9.20 13.20 -13.48
C SER A 92 -7.97 12.33 -13.58
N ALA A 93 -7.62 11.96 -14.78
CA ALA A 93 -6.45 11.14 -14.94
C ALA A 93 -5.23 11.93 -14.51
N ALA A 94 -4.39 11.26 -13.80
CA ALA A 94 -3.12 11.83 -13.48
C ALA A 94 -2.32 11.98 -14.75
N SER A 95 -1.50 12.98 -14.76
CA SER A 95 -0.53 13.15 -15.81
CA SER A 95 -0.54 13.17 -15.82
C SER A 95 0.63 12.24 -15.51
N LEU A 96 0.83 11.25 -16.33
CA LEU A 96 1.85 10.29 -16.03
C LEU A 96 3.13 10.84 -16.56
N ASN A 97 4.18 10.66 -15.80
CA ASN A 97 5.48 11.15 -16.16
C ASN A 97 6.45 10.30 -15.37
N SER A 98 7.71 10.65 -15.41
CA SER A 98 8.65 9.78 -14.74
C SER A 98 8.42 9.74 -13.26
N ARG A 99 7.73 10.73 -12.71
CA ARG A 99 7.55 10.81 -11.29
C ARG A 99 6.20 10.37 -10.86
N VAL A 100 5.30 10.17 -11.80
CA VAL A 100 3.98 9.73 -11.52
C VAL A 100 3.73 8.67 -12.56
N ALA A 101 3.76 7.44 -12.12
CA ALA A 101 3.76 6.35 -13.06
C ALA A 101 2.97 5.23 -12.44
N SER A 102 2.32 4.50 -13.28
CA SER A 102 1.58 3.38 -12.78
C SER A 102 2.51 2.22 -12.54
N ILE A 103 2.06 1.36 -11.69
CA ILE A 103 2.75 0.11 -11.46
C ILE A 103 1.88 -0.99 -11.99
N SER A 104 2.51 -1.97 -12.57
CA SER A 104 1.81 -3.06 -13.19
C SER A 104 1.22 -3.94 -12.13
N LEU A 105 0.08 -4.47 -12.45
CA LEU A 105 -0.46 -5.51 -11.64
C LEU A 105 0.23 -6.79 -11.93
N PRO A 106 0.23 -7.71 -10.99
CA PRO A 106 0.89 -8.97 -11.21
C PRO A 106 0.14 -9.77 -12.24
N THR A 107 0.90 -10.55 -12.95
CA THR A 107 0.32 -11.54 -13.81
C THR A 107 0.28 -12.87 -13.12
N SER A 108 1.05 -13.01 -12.06
CA SER A 108 1.00 -14.19 -11.24
C SER A 108 1.39 -13.77 -9.85
N CYS A 109 1.04 -14.61 -8.90
CA CYS A 109 1.38 -14.33 -7.55
C CYS A 109 2.87 -14.48 -7.35
N ALA A 110 3.35 -13.86 -6.32
CA ALA A 110 4.75 -13.92 -6.00
C ALA A 110 5.00 -15.08 -5.06
N SER A 111 6.16 -15.66 -5.21
CA SER A 111 6.57 -16.77 -4.39
C SER A 111 7.19 -16.26 -3.11
N ALA A 112 7.18 -17.11 -2.10
CA ALA A 112 7.91 -16.80 -0.91
C ALA A 112 9.33 -16.44 -1.28
N GLY A 113 9.84 -15.43 -0.61
CA GLY A 113 11.19 -15.04 -0.79
C GLY A 113 11.35 -14.02 -1.87
N THR A 114 10.30 -13.74 -2.62
CA THR A 114 10.34 -12.66 -3.57
C THR A 114 10.65 -11.38 -2.82
N GLN A 115 11.59 -10.65 -3.33
CA GLN A 115 11.96 -9.41 -2.71
C GLN A 115 11.12 -8.31 -3.30
N CYS A 116 10.65 -7.48 -2.43
CA CYS A 116 9.73 -6.46 -2.83
C CYS A 116 10.13 -5.18 -2.20
N LEU A 117 9.56 -4.15 -2.73
CA LEU A 117 9.77 -2.84 -2.20
C LEU A 117 8.47 -2.39 -1.62
N ILE A 118 8.50 -2.05 -0.38
CA ILE A 118 7.36 -1.55 0.33
C ILE A 118 7.68 -0.13 0.64
N SER A 119 6.73 0.73 0.46
CA SER A 119 7.03 2.10 0.65
C SER A 119 5.86 2.81 1.26
N GLY A 120 6.16 3.93 1.87
CA GLY A 120 5.10 4.71 2.41
C GLY A 120 5.64 5.77 3.29
N TRP A 121 4.70 6.54 3.78
CA TRP A 121 4.97 7.63 4.67
C TRP A 121 4.50 7.30 6.05
N GLY A 122 4.38 6.04 6.36
CA GLY A 122 3.95 5.67 7.65
C GLY A 122 5.01 5.88 8.69
N ASN A 123 4.60 5.59 9.89
CA ASN A 123 5.45 5.68 11.05
C ASN A 123 6.75 4.95 10.77
N THR A 124 7.83 5.57 11.19
CA THR A 124 9.13 4.98 11.04
C THR A 124 9.65 4.41 12.32
N LYS A 125 8.88 4.46 13.39
CA LYS A 125 9.29 3.89 14.65
C LYS A 125 8.48 2.64 14.97
N SER A 126 9.16 1.61 15.45
CA SER A 126 8.50 0.40 15.90
C SER A 126 7.89 0.59 17.29
N SER A 127 8.39 1.56 18.05
CA SER A 127 7.81 1.95 19.31
C SER A 127 7.69 3.46 19.29
N GLY A 128 6.50 3.96 19.57
CA GLY A 128 6.26 5.37 19.41
C GLY A 128 5.95 5.70 17.97
N THR A 129 5.92 6.99 17.67
CA THR A 129 5.50 7.43 16.36
C THR A 129 6.41 8.52 15.85
N SER A 130 6.84 8.36 14.62
CA SER A 130 7.53 9.42 13.91
C SER A 130 7.07 9.28 12.48
N TYR A 131 6.44 10.25 12.02
CA TYR A 131 5.96 10.23 10.67
C TYR A 131 6.90 11.01 9.82
N PRO A 132 7.39 10.43 8.75
CA PRO A 132 8.42 11.08 7.97
C PRO A 132 7.81 12.11 7.08
N ASP A 133 8.67 12.98 6.63
CA ASP A 133 8.25 13.87 5.57
C ASP A 133 8.32 13.14 4.26
N VAL A 134 9.37 12.42 4.03
CA VAL A 134 9.62 11.90 2.71
C VAL A 134 9.29 10.43 2.68
N LEU A 135 9.19 9.95 1.48
CA LEU A 135 8.75 8.61 1.30
C LEU A 135 9.83 7.67 1.73
N LYS A 136 9.44 6.64 2.44
CA LYS A 136 10.38 5.65 2.92
C LYS A 136 10.11 4.38 2.19
N CYS A 137 11.16 3.61 2.11
CA CYS A 137 11.17 2.41 1.32
C CYS A 137 11.74 1.33 2.18
N LEU A 138 11.30 0.13 1.92
CA LEU A 138 11.84 -1.01 2.60
C LEU A 138 11.86 -2.13 1.60
N LYS A 139 12.99 -2.75 1.48
CA LYS A 139 13.07 -3.97 0.71
C LYS A 139 12.71 -5.07 1.66
N ALA A 140 11.79 -5.89 1.23
CA ALA A 140 11.30 -6.86 2.13
C ALA A 140 10.91 -8.05 1.31
N PRO A 141 11.16 -9.23 1.82
CA PRO A 141 10.76 -10.42 1.11
C PRO A 141 9.40 -10.86 1.55
N ILE A 142 8.75 -11.50 0.61
CA ILE A 142 7.51 -12.20 0.91
C ILE A 142 7.86 -13.41 1.71
N LEU A 143 7.14 -13.62 2.78
CA LEU A 143 7.43 -14.77 3.59
C LEU A 143 6.59 -15.93 3.12
N SER A 144 6.99 -17.10 3.51
CA SER A 144 6.22 -18.26 3.16
C SER A 144 4.88 -18.20 3.84
N ASP A 145 3.91 -18.81 3.19
CA ASP A 145 2.62 -18.89 3.82
C ASP A 145 2.73 -19.57 5.17
N SER A 146 3.58 -20.58 5.28
CA SER A 146 3.67 -21.26 6.56
C SER A 146 4.19 -20.32 7.62
N SER A 147 5.19 -19.54 7.30
CA SER A 147 5.69 -18.63 8.31
C SER A 147 4.67 -17.57 8.61
N CYS A 148 3.98 -17.13 7.58
CA CYS A 148 2.99 -16.12 7.79
C CYS A 148 1.90 -16.64 8.69
N LYS A 149 1.44 -17.85 8.42
CA LYS A 149 0.39 -18.41 9.22
C LYS A 149 0.88 -18.76 10.60
N SER A 150 2.13 -19.13 10.72
CA SER A 150 2.69 -19.36 12.03
CA SER A 150 2.69 -19.35 12.05
C SER A 150 2.72 -18.06 12.83
N ALA A 151 3.04 -16.96 12.19
CA ALA A 151 3.10 -15.70 12.87
C ALA A 151 1.72 -15.22 13.24
N TYR A 152 0.74 -15.50 12.40
CA TYR A 152 -0.60 -14.98 12.59
C TYR A 152 -1.58 -16.10 12.43
N PRO A 153 -1.58 -17.04 13.34
CA PRO A 153 -2.42 -18.20 13.17
C PRO A 153 -3.87 -17.79 13.07
N GLY A 154 -4.56 -18.42 12.14
CA GLY A 154 -5.96 -18.21 11.92
C GLY A 154 -6.29 -16.87 11.35
N GLN A 155 -5.32 -16.03 11.09
CA GLN A 155 -5.61 -14.69 10.64
C GLN A 155 -5.22 -14.46 9.21
N ILE A 156 -4.49 -15.35 8.59
CA ILE A 156 -4.00 -15.12 7.26
C ILE A 156 -4.93 -15.82 6.31
N THR A 157 -5.59 -15.06 5.49
CA THR A 157 -6.42 -15.67 4.49
C THR A 157 -5.62 -15.84 3.23
N SER A 158 -6.23 -16.49 2.27
CA SER A 158 -5.55 -16.66 1.01
C SER A 158 -5.30 -15.34 0.34
N ASN A 159 -5.90 -14.26 0.83
CA ASN A 159 -5.73 -12.98 0.21
C ASN A 159 -4.73 -12.15 0.93
N MET A 160 -3.90 -12.76 1.71
CA MET A 160 -2.93 -12.04 2.47
C MET A 160 -1.63 -12.76 2.31
N PHE A 161 -0.58 -12.00 2.43
CA PHE A 161 0.70 -12.61 2.61
C PHE A 161 1.47 -11.77 3.57
N CYS A 162 2.47 -12.37 4.14
CA CYS A 162 3.34 -11.67 5.01
C CYS A 162 4.56 -11.31 4.23
N ALA A 163 5.13 -10.20 4.61
CA ALA A 163 6.36 -9.83 4.02
C ALA A 163 7.10 -9.09 5.07
N GLY A 164 8.41 -9.16 4.98
CA GLY A 164 9.25 -8.44 5.88
C GLY A 164 10.14 -9.38 6.59
N TYR A 165 10.21 -9.19 7.87
CA TYR A 165 11.31 -9.69 8.64
C TYR A 165 10.69 -10.22 9.90
N LEU A 166 11.25 -11.29 10.34
CA LEU A 166 10.83 -11.81 11.59
C LEU A 166 11.73 -11.36 12.70
N GLU A 167 12.91 -10.85 12.37
CA GLU A 167 13.85 -10.47 13.41
C GLU A 167 13.51 -9.12 13.98
N GLY A 168 12.48 -8.50 13.46
CA GLY A 168 12.08 -7.20 13.91
C GLY A 168 12.86 -6.11 13.23
N GLY A 169 12.33 -4.91 13.34
CA GLY A 169 13.06 -3.73 12.96
C GLY A 169 12.79 -3.23 11.58
N LYS A 170 12.07 -3.98 10.76
CA LYS A 170 11.85 -3.57 9.38
C LYS A 170 10.43 -3.95 9.02
N ASP A 171 9.60 -2.98 8.77
CA ASP A 171 8.24 -3.31 8.48
C ASP A 171 7.56 -2.08 7.94
N SER A 172 6.40 -2.29 7.40
CA SER A 172 5.51 -1.19 7.18
C SER A 172 4.79 -0.92 8.48
N CYS A 173 4.22 0.26 8.58
CA CYS A 173 3.68 0.65 9.83
C CYS A 173 2.52 1.57 9.57
N GLN A 174 1.97 2.11 10.63
CA GLN A 174 0.81 2.91 10.48
C GLN A 174 1.10 4.06 9.57
N GLY A 175 0.23 4.26 8.64
CA GLY A 175 0.38 5.27 7.65
C GLY A 175 0.90 4.71 6.37
N ASP A 176 1.35 3.49 6.39
CA ASP A 176 1.75 2.85 5.18
C ASP A 176 0.64 2.07 4.54
N SER A 177 -0.41 1.85 5.28
CA SER A 177 -1.50 1.06 4.76
C SER A 177 -1.91 1.53 3.42
N GLY A 178 -2.26 0.59 2.59
CA GLY A 178 -2.73 0.89 1.31
C GLY A 178 -1.65 1.00 0.32
N GLY A 179 -0.43 1.16 0.77
CA GLY A 179 0.64 1.38 -0.12
C GLY A 179 1.16 0.11 -0.68
N PRO A 180 2.11 0.26 -1.54
CA PRO A 180 2.52 -0.83 -2.39
C PRO A 180 3.53 -1.73 -1.78
N VAL A 181 3.41 -2.95 -2.19
CA VAL A 181 4.47 -3.91 -2.10
C VAL A 181 4.71 -4.32 -3.52
N VAL A 182 5.80 -3.90 -4.05
CA VAL A 182 6.09 -4.12 -5.44
C VAL A 182 7.24 -5.06 -5.53
N CYS A 183 7.08 -6.04 -6.37
CA CYS A 183 8.07 -7.07 -6.47
C CYS A 183 8.27 -7.26 -7.93
N SER A 184 9.49 -7.12 -8.39
CA SER A 184 9.80 -7.32 -9.79
C SER A 184 8.84 -6.51 -10.64
N GLY A 185 8.60 -5.29 -10.23
CA GLY A 185 7.82 -4.38 -11.02
C GLY A 185 6.35 -4.65 -11.01
N LYS A 186 5.89 -5.50 -10.10
CA LYS A 186 4.47 -5.80 -10.04
C LYS A 186 4.00 -5.48 -8.65
N LEU A 187 2.82 -4.93 -8.60
CA LEU A 187 2.20 -4.63 -7.33
C LEU A 187 1.64 -5.93 -6.79
N GLN A 188 2.37 -6.53 -5.89
CA GLN A 188 1.92 -7.78 -5.36
C GLN A 188 1.22 -7.59 -4.07
N GLY A 189 1.42 -6.51 -3.38
CA GLY A 189 0.84 -6.41 -2.07
C GLY A 189 0.37 -5.00 -1.84
N ILE A 190 -0.53 -4.93 -0.89
CA ILE A 190 -0.98 -3.69 -0.34
C ILE A 190 -0.73 -3.76 1.13
N VAL A 191 -0.12 -2.74 1.67
CA VAL A 191 0.10 -2.74 3.08
C VAL A 191 -1.23 -2.82 3.76
N SER A 192 -1.37 -3.79 4.63
CA SER A 192 -2.66 -4.01 5.21
C SER A 192 -2.58 -3.95 6.71
N TRP A 193 -1.90 -4.90 7.32
CA TRP A 193 -1.98 -4.92 8.76
C TRP A 193 -0.80 -5.69 9.31
N GLY A 194 -0.70 -5.69 10.60
CA GLY A 194 0.28 -6.52 11.24
C GLY A 194 0.09 -6.33 12.71
N SER A 195 0.80 -7.12 13.48
CA SER A 195 0.74 -6.94 14.92
C SER A 195 1.84 -5.96 15.25
N GLY A 196 1.44 -4.74 15.55
CA GLY A 196 2.40 -3.70 15.70
C GLY A 196 3.15 -3.52 14.41
N CYS A 197 4.33 -2.95 14.55
CA CYS A 197 5.19 -2.72 13.41
C CYS A 197 6.58 -3.14 13.78
N ALA A 198 7.17 -3.90 12.90
CA ALA A 198 8.58 -4.22 13.02
C ALA A 198 8.85 -4.98 14.28
N GLN A 199 7.83 -5.64 14.81
CA GLN A 199 8.00 -6.46 15.99
C GLN A 199 8.54 -7.80 15.56
N LYS A 200 9.40 -8.34 16.41
CA LYS A 200 9.91 -9.66 16.14
C LYS A 200 8.75 -10.62 15.91
N ASN A 201 8.90 -11.45 14.89
CA ASN A 201 8.00 -12.56 14.63
C ASN A 201 6.63 -12.10 14.21
N LYS A 202 6.49 -10.82 13.91
CA LYS A 202 5.20 -10.25 13.54
C LYS A 202 5.45 -9.46 12.28
N PRO A 203 5.55 -10.15 11.17
CA PRO A 203 5.83 -9.46 9.92
C PRO A 203 4.58 -8.73 9.48
N GLY A 204 4.77 -7.87 8.52
CA GLY A 204 3.67 -7.19 7.97
C GLY A 204 2.82 -8.15 7.18
N VAL A 205 1.57 -7.85 7.14
CA VAL A 205 0.62 -8.60 6.35
C VAL A 205 0.09 -7.68 5.28
N TYR A 206 -0.03 -8.22 4.11
CA TYR A 206 -0.29 -7.47 2.93
C TYR A 206 -1.38 -8.14 2.16
N THR A 207 -2.20 -7.35 1.55
CA THR A 207 -3.20 -7.90 0.69
C THR A 207 -2.53 -8.45 -0.53
N LYS A 208 -2.94 -9.62 -0.91
CA LYS A 208 -2.31 -10.33 -1.97
C LYS A 208 -2.97 -9.89 -3.26
N VAL A 209 -2.37 -8.91 -3.89
CA VAL A 209 -2.97 -8.27 -5.03
C VAL A 209 -3.20 -9.23 -6.16
N CYS A 210 -2.33 -10.22 -6.31
CA CYS A 210 -2.52 -11.08 -7.45
C CYS A 210 -3.87 -11.77 -7.40
N ASN A 211 -4.47 -11.88 -6.23
CA ASN A 211 -5.76 -12.50 -6.14
C ASN A 211 -6.83 -11.58 -6.62
N TYR A 212 -6.51 -10.34 -6.86
CA TYR A 212 -7.51 -9.35 -7.18
C TYR A 212 -7.35 -8.76 -8.54
N VAL A 213 -6.43 -9.27 -9.33
CA VAL A 213 -6.17 -8.59 -10.58
C VAL A 213 -7.40 -8.59 -11.43
N SER A 214 -8.10 -9.71 -11.49
CA SER A 214 -9.29 -9.72 -12.29
C SER A 214 -10.33 -8.80 -11.71
N TRP A 215 -10.46 -8.82 -10.39
CA TRP A 215 -11.42 -7.93 -9.77
C TRP A 215 -11.06 -6.50 -10.07
N ILE A 216 -9.79 -6.18 -9.99
CA ILE A 216 -9.38 -4.84 -10.27
C ILE A 216 -9.72 -4.49 -11.70
N LYS A 217 -9.32 -5.36 -12.61
CA LYS A 217 -9.55 -5.05 -13.99
C LYS A 217 -11.03 -4.93 -14.26
N GLN A 218 -11.81 -5.84 -13.70
CA GLN A 218 -13.23 -5.82 -13.98
C GLN A 218 -13.84 -4.59 -13.37
N THR A 219 -13.37 -4.22 -12.20
CA THR A 219 -13.94 -3.06 -11.56
C THR A 219 -13.56 -1.82 -12.29
N ILE A 220 -12.30 -1.71 -12.68
CA ILE A 220 -11.91 -0.55 -13.43
C ILE A 220 -12.70 -0.50 -14.71
N ALA A 221 -12.82 -1.63 -15.39
CA ALA A 221 -13.47 -1.62 -16.69
C ALA A 221 -14.90 -1.19 -16.58
N SER A 222 -15.52 -1.42 -15.44
CA SER A 222 -16.92 -1.11 -15.30
C SER A 222 -17.14 0.22 -14.60
N ASN A 223 -16.10 0.95 -14.32
CA ASN A 223 -16.23 2.21 -13.64
C ASN A 223 -15.47 3.27 -14.35
N CYS B 1 -3.72 -5.26 13.69
CA CYS B 1 -3.78 -3.77 13.63
C CYS B 1 -3.50 -3.27 12.22
N THR B 2 -4.46 -2.56 11.66
CA THR B 2 -4.27 -2.01 10.33
C THR B 2 -3.25 -0.90 10.40
N LYS B 3 -2.66 -0.63 9.25
CA LYS B 3 -1.57 0.31 9.20
C LYS B 3 -1.96 1.66 8.61
N SER B 4 -3.19 2.11 8.86
CA SER B 4 -3.54 3.47 8.50
C SER B 4 -3.07 4.41 9.61
N ILE B 5 -3.15 5.71 9.33
CA ILE B 5 -2.98 6.69 10.39
C ILE B 5 -4.31 6.89 11.09
S SO4 C . 4.62 -20.24 -0.19
O1 SO4 C . 5.36 -20.87 0.87
O2 SO4 C . 5.50 -19.76 -1.26
O3 SO4 C . 3.98 -19.10 0.44
O4 SO4 C . 3.63 -21.14 -0.77
S SO4 D . 12.21 12.53 6.80
O1 SO4 D . 11.09 12.21 5.99
O2 SO4 D . 13.10 11.39 6.97
O3 SO4 D . 12.94 13.65 6.19
O4 SO4 D . 11.70 12.93 8.12
S SO4 E . -13.61 -13.23 5.70
O1 SO4 E . -13.56 -14.68 5.45
O2 SO4 E . -12.51 -12.89 6.55
O3 SO4 E . -14.85 -12.91 6.38
O4 SO4 E . -13.71 -12.62 4.36
S SO4 F . -4.00 -21.25 9.69
O1 SO4 F . -5.24 -21.92 10.07
O2 SO4 F . -3.00 -22.23 9.27
O3 SO4 F . -3.53 -20.46 10.81
O4 SO4 F . -4.27 -20.34 8.57
S SO4 G . -5.16 -1.70 -14.84
O1 SO4 G . -5.88 -2.70 -14.05
O2 SO4 G . -4.05 -2.34 -15.52
O3 SO4 G . -4.68 -0.65 -13.96
O4 SO4 G . -6.07 -1.12 -15.83
CA CA H . 5.10 17.22 -1.55
#